data_2HNT
#
_entry.id   2HNT
#
_cell.length_a   126.450
_cell.length_b   48.230
_cell.length_c   52.430
_cell.angle_alpha   90.00
_cell.angle_beta   96.20
_cell.angle_gamma   90.00
#
_symmetry.space_group_name_H-M   'C 1 2 1'
#
loop_
_entity.id
_entity.type
_entity.pdbx_description
1 polymer GAMMA-THROMBIN
2 polymer GAMMA-THROMBIN
3 polymer GAMMA-THROMBIN
4 polymer GAMMA-THROMBIN
5 water water
#
loop_
_entity_poly.entity_id
_entity_poly.type
_entity_poly.pdbx_seq_one_letter_code
_entity_poly.pdbx_strand_id
1 'polypeptide(L)' TFGSGEADCGLRPLFEKKSLEDKTERELLESYIDGR L
2 'polypeptide(L)' IVEGSDAEIGMSPWQVMLFRKSPQELLCGASLISDRWVLTAAHCLLYPPWDKNFTENDLLVRIGKHSRTR C
3 'polypeptide(L)'
;NIEKISMLEKIYIHPRYNWRENLDRDIALMKLKKPVAFSDYIHPVCLPDRETAASLLQAGYKGRVTGWGNLKETWTANVG
K
;
E
4 'polypeptide(L)'
;GQPSVLQVVNLPIVERPVCKDSTRIRITDNMFCAGYKPDEGKRGDACEGDSGGPFVMKSPFNNRWYQMGIVSWGEGCDRD
GKYGFYTHVFRLKKWIQKVIDQFGE
;
F
#
# COMPACT_ATOMS: atom_id res chain seq x y z
N ALA A 7 10.01 10.80 11.69
CA ALA A 7 11.39 11.34 11.55
C ALA A 7 12.52 10.34 11.28
N ASP A 8 12.30 9.08 11.46
CA ASP A 8 13.18 7.97 11.16
C ASP A 8 12.32 7.08 10.23
N CYS A 9 11.32 7.69 9.62
CA CYS A 9 10.38 7.07 8.64
C CYS A 9 11.07 6.61 7.39
N GLY A 10 10.88 5.42 6.92
CA GLY A 10 11.38 4.85 5.69
C GLY A 10 12.71 4.17 5.60
N LEU A 11 13.48 4.28 6.65
CA LEU A 11 14.85 3.74 6.79
C LEU A 11 14.63 2.35 7.31
N ARG A 12 15.41 1.39 6.95
CA ARG A 12 14.99 0.03 7.41
C ARG A 12 16.16 -0.66 8.06
N PRO A 13 15.93 -0.83 9.39
CA PRO A 13 16.89 -1.48 10.28
C PRO A 13 17.66 -2.60 9.64
N LEU A 14 17.06 -3.54 8.95
CA LEU A 14 17.87 -4.57 8.32
C LEU A 14 18.39 -4.21 6.92
N PHE A 15 18.34 -2.94 6.52
CA PHE A 15 18.91 -2.59 5.19
C PHE A 15 19.54 -1.18 5.13
N GLU A 16 18.71 -0.15 5.14
CA GLU A 16 19.19 1.24 4.98
C GLU A 16 20.05 1.69 6.17
N LYS A 17 19.85 1.06 7.32
CA LYS A 17 20.61 1.42 8.55
C LYS A 17 21.96 0.67 8.60
N LYS A 18 21.97 -0.54 8.07
CA LYS A 18 23.19 -1.37 7.97
C LYS A 18 23.86 -1.07 6.62
N SER A 19 23.66 0.17 6.19
CA SER A 19 24.11 0.54 4.82
C SER A 19 24.00 -0.75 3.98
N LEU A 20 22.78 -1.15 3.68
CA LEU A 20 22.48 -2.35 2.89
C LEU A 20 21.45 -2.26 1.78
N GLU A 21 21.36 -3.30 0.95
CA GLU A 21 20.45 -3.26 -0.19
C GLU A 21 19.71 -4.54 -0.55
N ASP A 22 18.47 -4.37 -1.03
CA ASP A 22 17.76 -5.62 -1.37
C ASP A 22 17.97 -5.94 -2.86
N LYS A 23 17.69 -7.18 -3.17
CA LYS A 23 17.80 -7.80 -4.49
C LYS A 23 17.05 -7.16 -5.66
N THR A 24 16.16 -6.19 -5.53
CA THR A 24 15.42 -5.60 -6.62
C THR A 24 15.14 -4.11 -6.39
N GLU A 25 15.78 -3.61 -5.37
CA GLU A 25 15.66 -2.16 -5.10
C GLU A 25 16.47 -1.37 -6.10
N ARG A 26 17.48 -1.95 -6.77
CA ARG A 26 18.26 -1.22 -7.78
C ARG A 26 17.33 -0.93 -9.00
N GLU A 27 16.37 -1.78 -9.21
CA GLU A 27 15.38 -1.70 -10.27
C GLU A 27 14.46 -0.47 -10.16
N LEU A 28 14.14 -0.13 -8.90
CA LEU A 28 13.31 1.03 -8.66
C LEU A 28 14.15 2.27 -9.01
N LEU A 29 15.41 2.25 -8.56
CA LEU A 29 16.29 3.42 -8.66
C LEU A 29 16.80 3.75 -10.06
N GLU A 30 17.10 2.71 -10.82
CA GLU A 30 17.45 2.84 -12.22
C GLU A 30 16.33 3.44 -13.06
N SER A 31 15.10 3.11 -12.75
CA SER A 31 13.91 3.65 -13.43
C SER A 31 13.63 5.14 -13.22
N TYR A 32 14.24 5.84 -12.27
CA TYR A 32 13.84 7.23 -12.02
C TYR A 32 14.80 8.22 -12.70
N ILE A 33 14.59 9.51 -12.48
CA ILE A 33 15.37 10.64 -12.96
C ILE A 33 15.51 11.74 -11.92
N ASP A 34 15.01 11.50 -10.73
CA ASP A 34 15.06 12.53 -9.64
C ASP A 34 14.46 13.79 -10.23
N ILE B 1 0.00 -11.98 -4.54
CA ILE B 1 0.59 -11.07 -5.52
C ILE B 1 0.75 -11.85 -6.82
N VAL B 2 0.24 -11.31 -7.92
CA VAL B 2 0.38 -12.01 -9.21
C VAL B 2 1.79 -11.68 -9.74
N GLU B 3 2.46 -12.77 -10.06
CA GLU B 3 3.76 -13.06 -10.58
C GLU B 3 5.00 -12.42 -9.93
N GLY B 4 4.99 -12.32 -8.62
CA GLY B 4 6.09 -11.72 -7.86
C GLY B 4 7.06 -12.76 -7.29
N SER B 5 7.76 -12.34 -6.27
CA SER B 5 8.72 -13.18 -5.52
C SER B 5 8.58 -12.83 -4.02
N ASP B 6 9.08 -13.72 -3.21
CA ASP B 6 9.10 -13.75 -1.75
C ASP B 6 10.08 -12.64 -1.33
N ALA B 7 9.63 -11.84 -0.39
CA ALA B 7 10.47 -10.73 0.11
C ALA B 7 11.68 -11.33 0.84
N GLU B 8 12.44 -10.47 1.44
CA GLU B 8 13.55 -10.81 2.32
C GLU B 8 13.20 -10.08 3.67
N ILE B 9 13.57 -10.81 4.72
CA ILE B 9 13.34 -10.41 6.10
C ILE B 9 13.74 -8.97 6.34
N GLY B 10 12.86 -8.13 6.81
CA GLY B 10 13.24 -6.73 7.13
C GLY B 10 12.76 -5.76 6.07
N MET B 11 12.68 -6.24 4.85
CA MET B 11 12.31 -5.52 3.65
C MET B 11 11.12 -4.56 3.62
N SER B 12 10.08 -5.04 4.27
CA SER B 12 8.77 -4.38 4.31
C SER B 12 8.22 -4.34 5.73
N PRO B 13 8.82 -3.44 6.48
CA PRO B 13 8.54 -3.32 7.93
C PRO B 13 7.28 -2.58 8.30
N TRP B 14 6.68 -1.91 7.34
CA TRP B 14 5.43 -1.17 7.56
C TRP B 14 4.26 -2.12 7.30
N GLN B 15 4.60 -3.28 6.80
CA GLN B 15 3.68 -4.36 6.47
C GLN B 15 2.90 -4.84 7.68
N VAL B 16 1.62 -4.47 7.60
CA VAL B 16 0.50 -4.71 8.47
C VAL B 16 -0.57 -5.51 7.73
N MET B 17 -1.07 -6.54 8.41
CA MET B 17 -2.11 -7.49 8.02
C MET B 17 -3.47 -7.30 8.70
N LEU B 18 -4.54 -6.80 8.09
CA LEU B 18 -5.88 -6.76 8.68
C LEU B 18 -6.41 -8.22 8.71
N PHE B 19 -6.82 -8.64 9.90
CA PHE B 19 -7.37 -9.98 10.22
C PHE B 19 -8.74 -9.78 10.87
N ARG B 20 -9.41 -10.89 11.17
CA ARG B 20 -10.78 -10.83 11.70
C ARG B 20 -10.89 -11.15 13.21
N LYS B 21 -10.28 -12.24 13.63
CA LYS B 21 -10.37 -12.65 15.06
C LYS B 21 -11.80 -13.03 15.41
N SER B 22 -12.44 -13.96 14.70
CA SER B 22 -13.78 -14.29 15.15
C SER B 22 -14.58 -15.33 14.34
N PRO B 23 -14.15 -16.50 13.82
CA PRO B 23 -12.78 -17.03 13.86
C PRO B 23 -11.83 -16.18 13.04
N GLN B 24 -10.63 -16.70 12.92
CA GLN B 24 -9.50 -16.06 12.22
C GLN B 24 -9.57 -16.22 10.67
N GLU B 25 -9.43 -15.06 10.02
CA GLU B 25 -9.44 -14.95 8.54
C GLU B 25 -8.83 -13.62 8.07
N LEU B 26 -7.68 -13.73 7.42
CA LEU B 26 -6.96 -12.57 6.83
C LEU B 26 -7.87 -11.94 5.78
N LEU B 27 -8.20 -10.70 5.86
CA LEU B 27 -9.01 -9.97 4.92
C LEU B 27 -8.30 -9.05 3.89
N CYS B 28 -7.41 -8.24 4.45
CA CYS B 28 -6.70 -7.20 3.71
C CYS B 28 -5.26 -7.07 4.19
N GLY B 29 -4.69 -5.96 3.74
CA GLY B 29 -3.27 -5.64 4.03
C GLY B 29 -3.39 -4.21 4.50
N ALA B 30 -2.23 -3.66 4.82
CA ALA B 30 -2.22 -2.25 5.32
C ALA B 30 -0.72 -1.98 5.57
N SER B 31 -0.54 -0.77 6.13
CA SER B 31 0.78 -0.31 6.55
C SER B 31 0.74 0.58 7.83
N LEU B 32 1.89 0.47 8.52
CA LEU B 32 2.27 1.24 9.70
C LEU B 32 2.81 2.58 9.25
N ILE B 33 2.10 3.66 9.54
CA ILE B 33 2.54 5.02 9.11
C ILE B 33 3.12 5.71 10.36
N SER B 34 2.95 5.01 11.47
CA SER B 34 3.31 5.42 12.84
C SER B 34 3.22 4.29 13.85
N ASP B 35 3.38 4.61 15.12
CA ASP B 35 3.33 3.58 16.20
C ASP B 35 1.88 3.38 16.65
N ARG B 36 1.09 4.39 16.32
CA ARG B 36 -0.35 4.36 16.64
C ARG B 36 -1.20 4.73 15.45
N TRP B 37 -0.81 4.31 14.25
CA TRP B 37 -1.60 4.63 13.04
C TRP B 37 -1.42 3.56 11.99
N VAL B 38 -2.53 3.14 11.42
CA VAL B 38 -2.44 2.15 10.30
C VAL B 38 -3.17 2.76 9.12
N LEU B 39 -2.64 2.57 7.92
CA LEU B 39 -3.20 3.11 6.66
C LEU B 39 -3.63 1.83 5.88
N THR B 40 -4.88 2.03 5.45
CA THR B 40 -5.57 0.96 4.70
C THR B 40 -6.57 1.49 3.68
N ALA B 41 -7.06 0.57 2.89
CA ALA B 41 -8.08 0.74 1.85
C ALA B 41 -9.43 0.81 2.56
N ALA B 42 -10.20 1.82 2.35
CA ALA B 42 -11.53 2.02 2.94
C ALA B 42 -12.49 0.84 2.77
N HIS B 43 -12.40 0.28 1.58
CA HIS B 43 -13.17 -0.86 1.09
C HIS B 43 -12.78 -2.14 1.77
N CYS B 44 -11.88 -2.05 2.73
CA CYS B 44 -11.48 -3.31 3.41
C CYS B 44 -12.28 -3.49 4.72
N LEU B 45 -12.68 -2.30 5.16
CA LEU B 45 -13.41 -2.13 6.41
C LEU B 45 -14.92 -2.16 6.16
N LEU B 46 -15.23 -1.45 5.06
CA LEU B 46 -16.63 -1.32 4.65
C LEU B 46 -17.01 -1.27 3.18
N TYR B 47 -17.54 -2.34 2.61
CA TYR B 47 -18.03 -2.33 1.20
C TYR B 47 -19.37 -3.04 1.22
N PRO B 48 -20.47 -2.27 1.38
CA PRO B 48 -21.81 -2.83 1.53
C PRO B 48 -22.13 -3.74 0.40
N PRO B 49 -21.76 -3.36 -0.81
CA PRO B 49 -22.04 -4.14 -2.00
C PRO B 49 -21.74 -5.60 -1.78
N TRP B 50 -20.88 -5.88 -0.82
CA TRP B 50 -20.46 -7.26 -0.59
C TRP B 50 -20.71 -7.74 0.87
N ASP B 51 -21.44 -6.95 1.63
CA ASP B 51 -21.71 -7.26 3.06
C ASP B 51 -20.35 -7.11 3.81
N LYS B 52 -20.10 -5.86 4.20
CA LYS B 52 -18.75 -5.62 4.78
C LYS B 52 -18.84 -4.30 5.52
N ASN B 53 -19.03 -4.49 6.81
CA ASN B 53 -19.13 -3.31 7.73
C ASN B 53 -18.44 -3.65 9.06
N PHE B 54 -17.11 -3.86 8.96
CA PHE B 54 -16.39 -4.21 10.20
C PHE B 54 -16.23 -2.94 11.05
N THR B 55 -16.28 -3.23 12.34
CA THR B 55 -16.10 -2.17 13.36
C THR B 55 -14.87 -2.56 14.18
N GLU B 56 -14.38 -1.61 14.97
CA GLU B 56 -13.15 -1.90 15.73
C GLU B 56 -13.15 -3.30 16.35
N ASN B 57 -14.25 -3.59 17.04
CA ASN B 57 -14.44 -4.88 17.72
C ASN B 57 -14.12 -6.04 16.80
N ASP B 58 -14.47 -5.85 15.55
CA ASP B 58 -14.33 -6.88 14.53
C ASP B 58 -12.95 -7.34 14.15
N LEU B 59 -11.94 -6.52 14.30
CA LEU B 59 -10.58 -6.89 13.85
C LEU B 59 -9.48 -6.72 14.89
N LEU B 60 -8.40 -7.32 14.56
CA LEU B 60 -7.09 -7.35 15.22
C LEU B 60 -6.07 -7.11 14.08
N VAL B 61 -4.87 -6.66 14.34
CA VAL B 61 -3.81 -6.47 13.33
C VAL B 61 -2.56 -7.25 13.72
N ARG B 62 -1.81 -7.75 12.77
CA ARG B 62 -0.55 -8.39 13.12
C ARG B 62 0.59 -7.59 12.46
N ILE B 63 1.31 -6.91 13.36
CA ILE B 63 2.50 -6.23 12.84
C ILE B 63 3.62 -7.29 12.71
N GLY B 64 4.62 -6.77 12.00
CA GLY B 64 5.87 -7.39 11.69
C GLY B 64 5.99 -8.86 11.36
N LYS B 65 5.00 -9.38 10.65
CA LYS B 65 4.98 -10.76 10.18
C LYS B 65 5.39 -10.77 8.69
N HIS B 66 6.31 -11.72 8.47
CA HIS B 66 6.77 -11.84 7.06
C HIS B 66 6.86 -13.33 6.83
N SER B 67 5.69 -13.93 6.87
CA SER B 67 5.55 -15.40 6.69
C SER B 67 6.78 -16.09 7.26
N GLU C 3 6.07 -11.95 15.74
CA GLU C 3 5.20 -10.93 15.16
C GLU C 3 4.46 -10.26 16.29
N LYS C 4 3.40 -9.56 15.99
CA LYS C 4 2.69 -8.81 17.01
C LYS C 4 1.22 -8.65 16.57
N ILE C 5 0.32 -9.01 17.48
CA ILE C 5 -1.11 -8.81 17.25
C ILE C 5 -1.54 -7.52 17.89
N SER C 6 -2.42 -6.74 17.28
CA SER C 6 -2.86 -5.47 17.90
C SER C 6 -4.38 -5.33 17.78
N MET C 7 -4.89 -4.58 18.74
CA MET C 7 -6.29 -4.23 18.91
C MET C 7 -6.51 -2.79 18.45
N LEU C 8 -7.70 -2.56 17.93
CA LEU C 8 -8.06 -1.24 17.38
C LEU C 8 -8.83 -0.44 18.39
N GLU C 9 -8.66 0.85 18.32
CA GLU C 9 -9.35 1.76 19.24
C GLU C 9 -10.40 2.56 18.48
N LYS C 10 -10.03 2.82 17.22
CA LYS C 10 -10.92 3.59 16.32
C LYS C 10 -10.60 3.19 14.87
N ILE C 11 -11.55 3.59 14.07
CA ILE C 11 -11.54 3.42 12.62
C ILE C 11 -12.02 4.74 11.98
N TYR C 12 -11.23 5.25 11.05
CA TYR C 12 -11.63 6.46 10.31
C TYR C 12 -11.60 6.14 8.79
N ILE C 13 -12.74 6.49 8.18
CA ILE C 13 -13.04 6.31 6.77
C ILE C 13 -13.23 7.66 6.05
N HIS C 14 -12.54 7.73 4.90
CA HIS C 14 -12.61 9.01 4.18
C HIS C 14 -14.08 9.41 4.12
N PRO C 15 -14.39 10.61 4.56
CA PRO C 15 -15.75 11.12 4.46
C PRO C 15 -16.28 10.93 3.05
N ARG C 16 -15.46 11.13 2.01
CA ARG C 16 -16.03 11.00 0.67
C ARG C 16 -15.71 9.74 -0.07
N TYR C 17 -15.47 8.65 0.61
CA TYR C 17 -15.27 7.37 -0.13
C TYR C 17 -16.47 7.23 -1.08
N ASN C 18 -16.28 6.60 -2.23
CA ASN C 18 -17.34 6.35 -3.25
C ASN C 18 -17.35 4.83 -3.36
N TRP C 19 -17.98 4.21 -2.35
CA TRP C 19 -17.98 2.70 -2.35
C TRP C 19 -19.10 2.30 -3.29
N ARG C 20 -19.89 3.33 -3.50
CA ARG C 20 -21.12 3.31 -4.30
C ARG C 20 -20.88 3.47 -5.80
N GLU C 21 -20.06 4.45 -6.21
CA GLU C 21 -19.80 4.65 -7.66
C GLU C 21 -18.52 3.92 -8.12
N ASN C 22 -17.35 4.38 -7.67
CA ASN C 22 -16.09 3.80 -8.18
C ASN C 22 -14.92 3.86 -7.18
N LEU C 23 -15.13 3.33 -5.99
CA LEU C 23 -14.09 3.31 -4.93
C LEU C 23 -13.26 4.60 -4.96
N ASP C 24 -13.90 5.75 -5.10
CA ASP C 24 -13.04 6.95 -5.10
C ASP C 24 -12.76 7.27 -3.63
N ARG C 25 -11.50 7.62 -3.36
CA ARG C 25 -10.94 7.94 -2.03
C ARG C 25 -11.04 6.69 -1.13
N ASP C 26 -10.47 5.60 -1.63
CA ASP C 26 -10.49 4.31 -0.93
C ASP C 26 -9.43 4.32 0.17
N ILE C 27 -9.78 4.90 1.31
CA ILE C 27 -8.81 5.04 2.45
C ILE C 27 -9.46 5.20 3.83
N ALA C 28 -8.87 4.44 4.73
CA ALA C 28 -9.22 4.28 6.14
C ALA C 28 -7.98 4.21 7.05
N LEU C 29 -8.13 4.86 8.20
CA LEU C 29 -7.05 4.94 9.19
C LEU C 29 -7.46 4.09 10.37
N MET C 30 -6.61 3.29 10.90
CA MET C 30 -6.90 2.52 12.11
C MET C 30 -5.99 2.93 13.26
N LYS C 31 -6.39 3.91 14.07
CA LYS C 31 -5.65 4.32 15.26
C LYS C 31 -5.53 3.10 16.21
N LEU C 32 -4.33 2.60 16.38
CA LEU C 32 -4.10 1.49 17.30
C LEU C 32 -4.44 1.97 18.74
N LYS C 33 -4.71 0.95 19.50
CA LYS C 33 -5.10 0.85 20.89
C LYS C 33 -3.91 1.16 21.81
N LYS C 34 -2.88 0.46 21.40
CA LYS C 34 -1.61 0.51 22.13
C LYS C 34 -0.46 0.64 21.15
N PRO C 35 0.22 1.80 21.29
CA PRO C 35 1.40 2.12 20.48
C PRO C 35 2.40 0.97 20.51
N VAL C 36 2.70 0.44 19.38
CA VAL C 36 3.61 -0.68 19.12
C VAL C 36 5.07 -0.20 19.32
N ALA C 37 5.97 -1.17 19.47
CA ALA C 37 7.39 -0.95 19.65
C ALA C 37 8.17 -1.38 18.42
N PHE C 38 8.89 -0.40 17.89
CA PHE C 38 9.72 -0.62 16.72
C PHE C 38 10.82 -1.63 17.07
N SER C 39 11.14 -2.39 16.07
CA SER C 39 12.16 -3.44 16.10
C SER C 39 12.72 -3.55 14.69
N ASP C 40 13.49 -4.59 14.46
CA ASP C 40 14.09 -4.80 13.13
C ASP C 40 13.07 -5.41 12.15
N TYR C 41 11.81 -5.40 12.55
CA TYR C 41 10.74 -5.92 11.68
C TYR C 41 9.47 -5.10 11.86
N ILE C 42 9.62 -4.03 12.60
CA ILE C 42 8.53 -3.08 12.86
C ILE C 42 9.14 -1.69 12.78
N HIS C 43 8.57 -0.91 11.91
CA HIS C 43 9.11 0.40 11.63
C HIS C 43 8.23 1.17 10.62
N PRO C 44 7.88 2.41 10.95
CA PRO C 44 7.03 3.24 10.11
C PRO C 44 7.50 3.35 8.69
N VAL C 45 6.66 4.00 7.94
CA VAL C 45 6.87 4.35 6.53
C VAL C 45 6.59 5.83 6.40
N CYS C 46 7.10 6.39 5.34
CA CYS C 46 6.98 7.83 5.04
C CYS C 46 5.83 8.12 4.10
N LEU C 47 5.26 9.24 4.37
CA LEU C 47 4.20 9.91 3.59
C LEU C 47 5.00 11.01 2.88
N PRO C 48 4.62 11.33 1.66
CA PRO C 48 5.45 12.23 0.85
C PRO C 48 5.03 13.66 1.09
N ASP C 49 5.84 14.53 0.55
CA ASP C 49 5.62 15.99 0.57
C ASP C 49 5.40 16.38 -0.88
N ARG C 50 4.99 17.60 -1.16
CA ARG C 50 4.77 18.09 -2.52
C ARG C 50 6.00 17.84 -3.38
N GLU C 51 7.23 18.03 -2.91
CA GLU C 51 8.38 17.75 -3.79
C GLU C 51 8.63 16.29 -4.12
N THR C 52 8.51 15.32 -3.23
CA THR C 52 8.76 13.90 -3.52
C THR C 52 7.72 13.25 -4.46
N ALA C 53 6.51 13.77 -4.36
CA ALA C 53 5.36 13.31 -5.17
C ALA C 53 5.47 13.80 -6.62
N ALA C 54 5.68 15.11 -6.73
CA ALA C 54 5.85 15.74 -8.05
C ALA C 54 6.95 15.09 -8.89
N SER C 55 8.06 14.79 -8.18
CA SER C 55 9.23 14.23 -8.83
C SER C 55 9.23 12.74 -9.08
N LEU C 56 8.41 12.08 -8.25
CA LEU C 56 8.50 10.59 -8.28
C LEU C 56 7.38 9.96 -9.07
N LEU C 57 6.21 10.53 -8.83
CA LEU C 57 4.93 10.11 -9.42
C LEU C 57 4.95 10.26 -10.93
N GLN C 58 5.56 9.19 -11.49
CA GLN C 58 5.72 9.29 -12.94
C GLN C 58 5.85 8.04 -13.75
N ALA C 59 5.42 8.31 -14.97
CA ALA C 59 5.31 7.28 -15.99
C ALA C 59 6.58 6.50 -16.19
N GLY C 60 6.53 5.22 -15.96
CA GLY C 60 7.62 4.27 -16.15
C GLY C 60 8.42 4.14 -14.85
N TYR C 61 8.13 5.06 -13.94
CA TYR C 61 8.78 5.02 -12.62
C TYR C 61 8.13 3.93 -11.75
N LYS C 62 8.96 2.97 -11.43
CA LYS C 62 8.66 1.80 -10.67
C LYS C 62 8.44 2.00 -9.17
N GLY C 63 7.34 1.33 -8.78
CA GLY C 63 6.83 1.17 -7.44
C GLY C 63 6.93 -0.34 -7.05
N ARG C 64 7.02 -0.50 -5.71
CA ARG C 64 7.11 -1.92 -5.31
C ARG C 64 5.83 -2.31 -4.59
N VAL C 65 5.30 -3.46 -4.85
CA VAL C 65 4.04 -3.93 -4.21
C VAL C 65 4.24 -5.27 -3.48
N THR C 66 3.66 -5.36 -2.30
CA THR C 66 3.78 -6.55 -1.43
C THR C 66 2.49 -7.04 -0.77
N GLY C 67 2.44 -8.35 -0.60
CA GLY C 67 1.31 -8.97 0.09
C GLY C 67 1.24 -10.49 0.09
N TRP C 68 0.03 -10.81 0.63
CA TRP C 68 -0.37 -12.21 0.80
C TRP C 68 -1.59 -12.61 -0.02
N GLY C 69 -2.13 -11.79 -0.90
CA GLY C 69 -3.32 -12.12 -1.70
C GLY C 69 -2.94 -13.46 -2.40
N PRO D 3 -0.54 -17.33 0.22
CA PRO D 3 0.71 -17.66 -0.47
C PRO D 3 1.45 -18.64 0.44
N SER D 4 2.72 -18.42 0.68
CA SER D 4 3.59 -19.14 1.60
C SER D 4 4.60 -18.20 2.26
N VAL D 5 4.97 -17.07 1.65
CA VAL D 5 5.94 -16.12 2.22
C VAL D 5 5.51 -14.72 1.81
N LEU D 6 5.91 -13.64 2.50
CA LEU D 6 5.47 -12.32 2.00
C LEU D 6 5.96 -12.22 0.54
N GLN D 7 5.15 -11.57 -0.29
CA GLN D 7 5.54 -11.48 -1.73
C GLN D 7 5.78 -10.06 -2.17
N VAL D 8 6.71 -9.94 -3.11
CA VAL D 8 7.03 -8.57 -3.55
C VAL D 8 7.00 -8.46 -5.05
N VAL D 9 6.58 -7.30 -5.51
CA VAL D 9 6.39 -7.04 -6.97
C VAL D 9 6.48 -5.52 -7.14
N ASN D 10 7.33 -5.12 -8.06
CA ASN D 10 7.74 -3.76 -8.49
C ASN D 10 7.05 -3.44 -9.82
N LEU D 11 6.63 -2.22 -9.98
CA LEU D 11 5.86 -1.95 -11.21
C LEU D 11 5.87 -0.48 -11.57
N PRO D 12 5.73 -0.21 -12.85
CA PRO D 12 5.68 1.11 -13.45
C PRO D 12 4.46 2.02 -13.33
N ILE D 13 4.51 3.19 -12.74
CA ILE D 13 3.26 4.01 -12.73
C ILE D 13 2.94 4.21 -14.21
N VAL D 14 1.74 3.91 -14.65
CA VAL D 14 1.30 3.99 -16.07
C VAL D 14 0.63 5.34 -16.30
N GLU D 15 0.58 5.84 -17.52
CA GLU D 15 0.04 7.18 -17.82
C GLU D 15 -1.49 7.28 -17.78
N ARG D 16 -1.96 8.47 -17.41
CA ARG D 16 -3.40 8.75 -17.37
C ARG D 16 -4.18 8.11 -18.50
N PRO D 17 -4.05 8.69 -19.70
CA PRO D 17 -4.67 8.16 -20.92
C PRO D 17 -4.66 6.64 -21.04
N VAL D 18 -3.48 6.06 -20.83
CA VAL D 18 -3.46 4.60 -20.92
C VAL D 18 -4.30 3.94 -19.82
N CYS D 19 -4.54 4.62 -18.73
CA CYS D 19 -5.30 4.12 -17.59
C CYS D 19 -6.79 4.11 -17.97
N LYS D 20 -7.27 5.30 -18.25
CA LYS D 20 -8.65 5.58 -18.66
C LYS D 20 -9.19 4.64 -19.75
N ASP D 21 -8.35 4.35 -20.70
CA ASP D 21 -8.56 3.49 -21.85
C ASP D 21 -8.77 2.00 -21.58
N SER D 22 -8.25 1.50 -20.47
CA SER D 22 -8.23 0.13 -19.98
C SER D 22 -9.50 -0.15 -19.16
N THR D 23 -10.37 0.82 -18.92
CA THR D 23 -11.56 0.53 -18.11
C THR D 23 -12.75 1.36 -18.56
N ARG D 24 -13.92 0.82 -18.22
CA ARG D 24 -15.18 1.47 -18.51
C ARG D 24 -15.36 2.53 -17.42
N ILE D 25 -15.04 2.08 -16.21
CA ILE D 25 -15.14 2.86 -14.98
C ILE D 25 -14.37 4.21 -15.08
N ARG D 26 -15.01 5.12 -14.37
CA ARG D 26 -14.54 6.50 -14.18
C ARG D 26 -13.31 6.51 -13.26
N ILE D 27 -12.21 6.99 -13.79
CA ILE D 27 -10.91 7.16 -13.16
C ILE D 27 -10.92 8.61 -12.61
N THR D 28 -10.50 8.71 -11.37
CA THR D 28 -10.44 10.03 -10.73
C THR D 28 -8.98 10.46 -10.53
N ASP D 29 -8.91 11.65 -9.97
CA ASP D 29 -7.73 12.39 -9.63
C ASP D 29 -7.01 11.75 -8.46
N ASN D 30 -7.77 11.08 -7.63
CA ASN D 30 -7.28 10.38 -6.45
C ASN D 30 -6.73 9.00 -6.78
N MET D 31 -6.81 8.55 -8.04
CA MET D 31 -6.23 7.19 -8.25
C MET D 31 -5.19 7.18 -9.35
N PHE D 32 -4.38 6.12 -9.40
CA PHE D 32 -3.34 5.84 -10.39
C PHE D 32 -3.16 4.36 -10.74
N CYS D 33 -2.93 4.03 -12.00
CA CYS D 33 -2.71 2.64 -12.43
C CYS D 33 -1.20 2.39 -12.45
N ALA D 34 -0.77 1.14 -12.42
CA ALA D 34 0.64 0.78 -12.48
C ALA D 34 0.53 -0.67 -12.99
N GLY D 35 1.52 -1.03 -13.77
CA GLY D 35 1.80 -2.28 -14.40
C GLY D 35 2.49 -2.08 -15.77
N TYR D 36 2.99 -3.21 -16.26
CA TYR D 36 3.62 -3.41 -17.55
C TYR D 36 2.53 -3.43 -18.63
N LYS D 37 2.74 -2.75 -19.73
CA LYS D 37 1.83 -2.75 -20.89
C LYS D 37 2.05 -4.15 -21.47
N PRO D 38 1.09 -4.60 -22.28
CA PRO D 38 1.20 -5.99 -22.81
C PRO D 38 2.48 -6.17 -23.60
N ASP D 39 3.09 -5.14 -24.14
CA ASP D 39 4.34 -5.22 -24.91
C ASP D 39 5.63 -5.33 -24.10
N GLU D 40 5.75 -4.58 -23.05
CA GLU D 40 6.80 -4.43 -22.06
C GLU D 40 7.33 -5.77 -21.58
N GLY D 41 6.79 -6.85 -22.09
CA GLY D 41 7.28 -8.17 -21.67
C GLY D 41 6.94 -8.57 -20.23
N LYS D 42 7.58 -7.94 -19.26
CA LYS D 42 7.38 -8.25 -17.84
C LYS D 42 5.91 -8.31 -17.38
N ARG D 43 5.71 -9.30 -16.53
CA ARG D 43 4.47 -9.77 -15.90
C ARG D 43 4.31 -9.44 -14.42
N GLY D 44 3.13 -9.65 -13.83
CA GLY D 44 2.84 -9.45 -12.42
C GLY D 44 1.78 -8.48 -11.96
N ASP D 45 1.19 -8.72 -10.77
CA ASP D 45 0.15 -7.79 -10.27
C ASP D 45 -0.36 -8.15 -8.87
N ALA D 46 -1.33 -7.34 -8.46
CA ALA D 46 -2.04 -7.50 -7.18
C ALA D 46 -3.31 -8.32 -7.42
N CYS D 47 -3.75 -8.93 -6.35
CA CYS D 47 -4.93 -9.82 -6.33
C CYS D 47 -5.76 -9.48 -5.10
N GLU D 48 -6.72 -10.32 -4.77
CA GLU D 48 -7.58 -10.11 -3.58
C GLU D 48 -6.84 -10.46 -2.26
N GLY D 49 -7.08 -9.62 -1.25
CA GLY D 49 -6.50 -9.79 0.10
C GLY D 49 -5.09 -9.19 0.16
N ASP D 50 -4.77 -8.51 -0.91
CA ASP D 50 -3.61 -7.70 -1.26
C ASP D 50 -4.12 -6.24 -1.05
N SER D 51 -5.44 -6.13 -1.16
CA SER D 51 -6.06 -4.82 -0.98
C SER D 51 -5.49 -4.22 0.30
N GLY D 52 -5.39 -2.92 0.19
CA GLY D 52 -4.97 -2.06 1.31
C GLY D 52 -3.46 -1.96 1.40
N GLY D 53 -2.84 -3.01 0.92
CA GLY D 53 -1.39 -3.14 0.83
C GLY D 53 -0.83 -1.79 0.39
N PRO D 54 0.47 -1.59 0.72
CA PRO D 54 1.14 -0.34 0.38
C PRO D 54 1.69 -0.35 -1.06
N PHE D 55 1.84 0.90 -1.53
CA PHE D 55 2.54 1.23 -2.79
C PHE D 55 3.67 2.19 -2.32
N VAL D 56 4.89 1.66 -2.40
CA VAL D 56 6.04 2.47 -1.96
C VAL D 56 7.14 2.66 -3.01
N MET D 57 7.78 3.81 -2.87
CA MET D 57 8.90 4.21 -3.72
C MET D 57 10.02 4.73 -2.77
N LYS D 58 11.21 4.34 -3.15
CA LYS D 58 12.50 4.65 -2.53
C LYS D 58 13.08 5.91 -3.17
N SER D 59 13.31 6.94 -2.39
CA SER D 59 13.81 8.23 -2.81
C SER D 59 15.33 8.31 -2.96
N PRO D 60 15.71 9.01 -4.04
CA PRO D 60 17.11 9.11 -4.46
C PRO D 60 17.79 10.21 -3.65
N PHE D 61 16.90 11.14 -3.31
CA PHE D 61 17.18 12.33 -2.51
C PHE D 61 17.75 11.89 -1.15
N ASN D 62 16.89 11.34 -0.34
CA ASN D 62 17.32 10.65 0.90
C ASN D 62 17.21 9.21 0.48
N ASN D 63 17.32 8.23 1.33
CA ASN D 63 17.18 6.88 0.79
C ASN D 63 16.00 6.15 1.44
N ARG D 64 15.15 6.97 2.02
CA ARG D 64 13.90 6.54 2.68
C ARG D 64 12.80 6.33 1.63
N TRP D 65 12.04 5.31 1.99
CA TRP D 65 10.87 4.86 1.23
C TRP D 65 9.68 5.77 1.57
N TYR D 66 8.82 5.89 0.59
CA TYR D 66 7.59 6.67 0.76
C TYR D 66 6.44 5.81 0.28
N GLN D 67 5.31 5.97 0.96
CA GLN D 67 4.10 5.21 0.58
C GLN D 67 3.46 6.10 -0.50
N MET D 68 3.60 5.54 -1.69
CA MET D 68 3.12 6.23 -2.93
C MET D 68 1.64 6.06 -3.14
N GLY D 69 1.13 4.85 -2.88
CA GLY D 69 -0.35 4.70 -2.90
C GLY D 69 -0.81 3.52 -2.04
N ILE D 70 -2.11 3.24 -2.20
CA ILE D 70 -2.78 2.08 -1.59
C ILE D 70 -3.40 1.20 -2.70
N VAL D 71 -3.17 -0.10 -2.65
CA VAL D 71 -3.69 -1.04 -3.65
C VAL D 71 -5.20 -0.85 -3.61
N SER D 72 -5.81 -0.12 -4.55
CA SER D 72 -7.23 0.13 -4.45
C SER D 72 -8.18 -0.75 -5.22
N TRP D 73 -8.06 -1.07 -6.48
CA TRP D 73 -9.01 -1.97 -7.16
C TRP D 73 -8.39 -2.46 -8.47
N GLY D 74 -9.06 -3.36 -9.12
CA GLY D 74 -8.67 -3.91 -10.41
C GLY D 74 -9.86 -4.34 -11.29
N GLU D 75 -9.55 -5.48 -11.92
CA GLU D 75 -10.34 -6.27 -12.86
C GLU D 75 -9.59 -7.57 -13.14
N GLY D 76 -9.56 -8.47 -12.17
CA GLY D 76 -8.79 -9.71 -12.39
C GLY D 76 -7.38 -9.52 -11.84
N CYS D 77 -6.45 -10.27 -12.38
CA CYS D 77 -5.12 -10.21 -11.89
C CYS D 77 -4.20 -10.82 -13.13
N ASP D 78 -3.13 -10.13 -13.47
CA ASP D 78 -2.15 -10.41 -14.48
C ASP D 78 -2.69 -10.36 -15.91
N ARG D 79 -3.83 -9.73 -16.10
CA ARG D 79 -4.50 -9.60 -17.39
C ARG D 79 -3.85 -8.56 -18.31
N ASP D 80 -3.41 -9.05 -19.47
CA ASP D 80 -2.83 -8.18 -20.53
C ASP D 80 -3.75 -7.00 -20.81
N GLY D 81 -3.33 -5.76 -20.75
CA GLY D 81 -4.30 -4.73 -21.13
C GLY D 81 -5.10 -4.06 -20.04
N LYS D 82 -4.97 -4.56 -18.83
CA LYS D 82 -5.60 -3.96 -17.63
C LYS D 82 -4.58 -3.50 -16.58
N TYR D 83 -4.69 -2.32 -16.00
CA TYR D 83 -3.78 -1.80 -14.96
C TYR D 83 -4.49 -1.88 -13.60
N GLY D 84 -3.72 -1.69 -12.52
CA GLY D 84 -4.28 -1.79 -11.16
C GLY D 84 -4.38 -0.37 -10.60
N PHE D 85 -5.55 -0.11 -10.04
CA PHE D 85 -5.89 1.20 -9.44
C PHE D 85 -5.44 1.30 -7.99
N TYR D 86 -4.86 2.48 -7.71
CA TYR D 86 -4.18 2.82 -6.45
C TYR D 86 -4.60 4.11 -5.74
N THR D 87 -4.85 4.09 -4.40
CA THR D 87 -5.29 5.35 -3.79
C THR D 87 -4.07 6.27 -3.83
N HIS D 88 -4.25 7.47 -4.28
CA HIS D 88 -3.29 8.55 -4.42
C HIS D 88 -3.16 9.20 -3.04
N VAL D 89 -2.19 8.68 -2.31
CA VAL D 89 -1.86 9.05 -0.93
C VAL D 89 -1.60 10.53 -0.74
N PHE D 90 -0.68 11.05 -1.55
CA PHE D 90 -0.30 12.45 -1.57
C PHE D 90 -1.54 13.33 -1.57
N ARG D 91 -2.52 12.95 -2.34
CA ARG D 91 -3.82 13.64 -2.48
C ARG D 91 -4.77 13.64 -1.29
N LEU D 92 -4.73 12.71 -0.36
CA LEU D 92 -5.64 12.61 0.80
C LEU D 92 -4.91 12.86 2.13
N LYS D 93 -3.68 13.37 1.97
CA LYS D 93 -2.74 13.69 3.05
C LYS D 93 -3.25 14.82 3.92
N LYS D 94 -3.77 15.88 3.33
CA LYS D 94 -4.41 16.93 4.15
C LYS D 94 -5.33 16.18 5.15
N TRP D 95 -6.18 15.29 4.63
CA TRP D 95 -7.14 14.53 5.45
C TRP D 95 -6.37 13.76 6.53
N ILE D 96 -5.47 12.93 6.04
CA ILE D 96 -4.70 12.12 6.97
C ILE D 96 -4.10 12.90 8.14
N GLN D 97 -3.82 14.14 7.84
CA GLN D 97 -3.23 15.13 8.74
C GLN D 97 -4.10 15.32 10.00
N LYS D 98 -5.20 15.92 9.58
CA LYS D 98 -6.37 16.37 10.25
C LYS D 98 -6.84 15.52 11.42
N VAL D 99 -6.89 14.23 11.20
CA VAL D 99 -7.41 13.30 12.21
C VAL D 99 -6.27 12.79 13.10
N ILE D 100 -5.11 12.62 12.50
CA ILE D 100 -3.96 12.13 13.30
C ILE D 100 -3.61 13.20 14.32
N ASP D 101 -3.54 14.42 13.82
CA ASP D 101 -3.30 15.65 14.59
C ASP D 101 -4.57 16.03 15.35
N GLN D 102 -5.63 15.26 15.18
CA GLN D 102 -6.92 15.55 15.84
C GLN D 102 -7.35 14.55 16.91
#